data_3VNS
#
_entry.id   3VNS
#
_cell.length_a   156.544
_cell.length_b   156.544
_cell.length_c   156.544
_cell.angle_alpha   90.000
_cell.angle_beta   90.000
_cell.angle_gamma   90.000
#
_symmetry.space_group_name_H-M   'I 2 3'
#
loop_
_entity.id
_entity.type
_entity.pdbx_description
1 polymer 'NRPS adenylation protein CytC1'
2 non-polymer 'ADENOSINE MONOPHOSPHATE'
3 non-polymer D-VALINE
4 water water
#
_entity_poly.entity_id   1
_entity_poly.type   'polypeptide(L)'
_entity_poly.pdbx_seq_one_letter_code
;MGSSHHHHHHSSGLVPRGSHMLLQSMTSDPIARNSDLVSLFREVAATAPERTALSAEDDRISYGRLDAWSDAVARTLLAE
GVRPGDRVALRMSPGAEAIVAILAILKCGAAYVPVDLRNPVSRSDFILADSGASALIGEPHEGCAVTRVVRTAAVAECKD
AEPGPVTGAPGPGAEDMAYVIYTSGTTGNPKGVPVRHANVLALLAGAPSVFDFSGDDRWLLFHSLSFDFSVWEIWGAFST
GAELVVLPHWAARTPEQYLAVIIDRGVTVINQTPTAFLALTEAAVRGGRDVSGLRYVIFGGEKLTAPMLRPWAKAFGLDR
PRLVNGYGITETTVFTTFEEITEAYLAQDASIIGRALPSFGTRVVGDDGRDVAPGETGELWLSGAQLAEGYLRRPELTAE
KFPEVTDEKTGESVRYYRTGDLVSELPDGRFAYEGRADLQIKLRGYRIELSDIETAVRRHDDVVDAVVTVREFKPGDLRL
VCAYVAREGSATTARELRNHIKTLLPAYMHPARYLPLPGLPRTVNGKVDRAAVARSWEEEVARS
;
_entity_poly.pdbx_strand_id   A
#
# COMPACT_ATOMS: atom_id res chain seq x y z
N THR A 27 2.16 -31.35 5.81
CA THR A 27 1.75 -30.57 4.64
C THR A 27 2.94 -30.27 3.73
N SER A 28 2.72 -30.26 2.42
CA SER A 28 3.78 -29.94 1.45
C SER A 28 3.95 -28.43 1.25
N ASP A 29 2.98 -27.66 1.70
CA ASP A 29 2.94 -26.21 1.47
C ASP A 29 4.02 -25.46 2.25
N PRO A 30 4.99 -24.87 1.53
CA PRO A 30 6.08 -24.14 2.20
C PRO A 30 5.58 -22.97 3.04
N ILE A 31 4.50 -22.33 2.62
CA ILE A 31 3.99 -21.18 3.35
C ILE A 31 3.41 -21.60 4.71
N ALA A 32 2.68 -22.71 4.72
CA ALA A 32 2.10 -23.21 5.95
C ALA A 32 3.17 -23.80 6.87
N ARG A 33 4.23 -24.32 6.25
CA ARG A 33 5.24 -25.07 6.98
C ARG A 33 6.30 -24.21 7.64
N ASN A 34 6.55 -23.01 7.10
CA ASN A 34 7.58 -22.14 7.63
C ASN A 34 7.01 -21.03 8.51
N SER A 35 7.78 -20.59 9.50
CA SER A 35 7.28 -19.57 10.41
C SER A 35 8.07 -18.27 10.35
N ASP A 36 9.03 -18.18 9.44
CA ASP A 36 9.71 -16.90 9.16
C ASP A 36 10.04 -16.77 7.67
N LEU A 37 10.27 -15.55 7.22
CA LEU A 37 10.45 -15.27 5.80
C LEU A 37 11.75 -15.83 5.23
N VAL A 38 12.78 -15.91 6.08
CA VAL A 38 14.08 -16.43 5.64
C VAL A 38 14.00 -17.93 5.38
N SER A 39 13.43 -18.68 6.32
CA SER A 39 13.19 -20.11 6.12
C SER A 39 12.31 -20.37 4.90
N LEU A 40 11.26 -19.59 4.77
CA LEU A 40 10.39 -19.70 3.60
C LEU A 40 11.19 -19.49 2.32
N PHE A 41 11.88 -18.36 2.21
CA PHE A 41 12.65 -18.09 0.99
C PHE A 41 13.66 -19.19 0.71
N ARG A 42 14.42 -19.58 1.72
CA ARG A 42 15.44 -20.61 1.55
C ARG A 42 14.85 -21.91 1.03
N GLU A 43 13.69 -22.31 1.55
CA GLU A 43 13.04 -23.53 1.05
C GLU A 43 12.56 -23.39 -0.39
N VAL A 44 11.89 -22.29 -0.70
CA VAL A 44 11.44 -22.06 -2.07
C VAL A 44 12.62 -22.08 -3.03
N ALA A 45 13.71 -21.40 -2.66
CA ALA A 45 14.91 -21.37 -3.50
C ALA A 45 15.56 -22.74 -3.65
N ALA A 46 15.75 -23.44 -2.54
CA ALA A 46 16.47 -24.72 -2.56
C ALA A 46 15.70 -25.76 -3.36
N THR A 47 14.38 -25.66 -3.34
CA THR A 47 13.55 -26.64 -4.02
C THR A 47 13.66 -26.61 -5.54
N ALA A 48 13.77 -25.41 -6.11
CA ALA A 48 13.90 -25.28 -7.56
C ALA A 48 14.79 -24.07 -7.88
N PRO A 49 16.10 -24.22 -7.61
CA PRO A 49 16.98 -23.05 -7.57
C PRO A 49 17.25 -22.45 -8.94
N GLU A 50 16.92 -23.14 -10.02
CA GLU A 50 17.23 -22.62 -11.35
C GLU A 50 16.11 -21.71 -11.86
N ARG A 51 14.95 -21.75 -11.21
CA ARG A 51 13.84 -20.89 -11.59
C ARG A 51 14.19 -19.44 -11.36
N THR A 52 13.61 -18.55 -12.15
CA THR A 52 13.94 -17.12 -12.06
C THR A 52 13.20 -16.46 -10.89
N ALA A 53 13.94 -15.81 -10.01
CA ALA A 53 13.35 -15.11 -8.87
C ALA A 53 13.18 -13.63 -9.19
N LEU A 54 14.09 -13.10 -9.99
CA LEU A 54 14.16 -11.67 -10.16
C LEU A 54 14.71 -11.40 -11.56
N SER A 55 14.07 -10.47 -12.27
CA SER A 55 14.59 -10.06 -13.57
C SER A 55 14.67 -8.54 -13.70
N ALA A 56 15.73 -8.08 -14.35
CA ALA A 56 15.90 -6.66 -14.62
C ALA A 56 16.28 -6.56 -16.08
N GLU A 57 15.34 -6.09 -16.91
CA GLU A 57 15.49 -6.17 -18.35
C GLU A 57 15.71 -7.63 -18.74
N ASP A 58 16.79 -7.92 -19.47
CA ASP A 58 17.08 -9.30 -19.88
C ASP A 58 17.89 -10.06 -18.83
N ASP A 59 18.31 -9.37 -17.76
CA ASP A 59 19.12 -10.00 -16.73
C ASP A 59 18.21 -10.80 -15.79
N ARG A 60 18.40 -12.11 -15.78
CA ARG A 60 17.58 -12.98 -14.98
C ARG A 60 18.39 -13.57 -13.84
N ILE A 61 17.90 -13.41 -12.62
CA ILE A 61 18.57 -13.93 -11.44
C ILE A 61 17.76 -15.10 -10.90
N SER A 62 18.36 -16.29 -10.89
CA SER A 62 17.67 -17.47 -10.40
C SER A 62 17.53 -17.41 -8.89
N TYR A 63 16.62 -18.22 -8.35
CA TYR A 63 16.48 -18.34 -6.90
C TYR A 63 17.81 -18.77 -6.27
N GLY A 64 18.48 -19.74 -6.87
CA GLY A 64 19.75 -20.20 -6.33
C GLY A 64 20.79 -19.09 -6.30
N ARG A 65 20.84 -18.33 -7.39
CA ARG A 65 21.76 -17.21 -7.51
C ARG A 65 21.44 -16.13 -6.47
N LEU A 66 20.16 -15.83 -6.31
CA LEU A 66 19.71 -14.80 -5.37
C LEU A 66 20.00 -15.22 -3.92
N ASP A 67 19.80 -16.49 -3.64
CA ASP A 67 20.03 -17.03 -2.30
C ASP A 67 21.51 -16.88 -1.92
N ALA A 68 22.40 -17.26 -2.84
CA ALA A 68 23.83 -17.17 -2.59
C ALA A 68 24.30 -15.72 -2.51
N TRP A 69 23.80 -14.90 -3.42
CA TRP A 69 24.10 -13.47 -3.46
C TRP A 69 23.76 -12.83 -2.12
N SER A 70 22.55 -13.10 -1.62
CA SER A 70 22.10 -12.47 -0.38
C SER A 70 22.81 -13.04 0.85
N ASP A 71 23.25 -14.29 0.79
CA ASP A 71 24.09 -14.86 1.85
C ASP A 71 25.42 -14.10 1.89
N ALA A 72 25.98 -13.81 0.72
CA ALA A 72 27.25 -13.09 0.64
C ALA A 72 27.10 -11.69 1.20
N VAL A 73 26.04 -11.00 0.82
CA VAL A 73 25.80 -9.66 1.33
C VAL A 73 25.55 -9.68 2.84
N ALA A 74 24.86 -10.71 3.32
CA ALA A 74 24.65 -10.87 4.76
C ALA A 74 25.99 -10.93 5.48
N ARG A 75 26.95 -11.64 4.89
CA ARG A 75 28.28 -11.73 5.50
C ARG A 75 28.90 -10.35 5.62
N THR A 76 28.75 -9.53 4.58
CA THR A 76 29.25 -8.16 4.61
C THR A 76 28.60 -7.34 5.71
N LEU A 77 27.30 -7.54 5.91
CA LEU A 77 26.59 -6.87 7.00
C LEU A 77 27.09 -7.35 8.37
N LEU A 78 27.29 -8.65 8.52
CA LEU A 78 27.84 -9.18 9.77
C LEU A 78 29.14 -8.46 10.12
N ALA A 79 29.97 -8.22 9.12
CA ALA A 79 31.26 -7.57 9.31
C ALA A 79 31.10 -6.10 9.73
N GLU A 80 29.94 -5.54 9.44
CA GLU A 80 29.63 -4.17 9.85
C GLU A 80 28.93 -4.14 11.21
N GLY A 81 28.87 -5.30 11.86
CA GLY A 81 28.31 -5.38 13.19
C GLY A 81 26.81 -5.64 13.25
N VAL A 82 26.17 -5.81 12.09
CA VAL A 82 24.74 -6.12 12.06
C VAL A 82 24.47 -7.44 12.77
N ARG A 83 23.51 -7.42 13.70
CA ARG A 83 23.19 -8.58 14.52
C ARG A 83 21.68 -8.70 14.69
N PRO A 84 21.21 -9.89 15.09
CA PRO A 84 19.77 -10.11 15.28
C PRO A 84 19.14 -9.02 16.15
N GLY A 85 17.97 -8.54 15.74
CA GLY A 85 17.30 -7.47 16.45
C GLY A 85 17.69 -6.07 16.00
N ASP A 86 18.75 -5.97 15.21
CA ASP A 86 19.16 -4.68 14.68
C ASP A 86 18.13 -4.14 13.70
N ARG A 87 18.06 -2.83 13.59
CA ARG A 87 17.33 -2.19 12.51
C ARG A 87 18.33 -1.57 11.55
N VAL A 88 18.24 -1.97 10.29
CA VAL A 88 19.19 -1.54 9.28
C VAL A 88 18.46 -0.71 8.25
N ALA A 89 18.93 0.51 8.04
CA ALA A 89 18.31 1.42 7.09
C ALA A 89 18.59 0.98 5.66
N LEU A 90 17.62 1.21 4.78
CA LEU A 90 17.75 0.84 3.38
C LEU A 90 17.34 2.03 2.54
N ARG A 91 18.29 2.54 1.76
CA ARG A 91 17.98 3.67 0.90
C ARG A 91 18.41 3.37 -0.53
N MET A 92 17.49 2.78 -1.28
CA MET A 92 17.75 2.34 -2.65
C MET A 92 16.43 2.40 -3.40
N SER A 93 16.50 2.51 -4.72
CA SER A 93 15.30 2.41 -5.53
C SER A 93 14.98 0.94 -5.76
N PRO A 94 13.70 0.61 -5.99
CA PRO A 94 13.34 -0.80 -6.18
C PRO A 94 14.08 -1.38 -7.38
N GLY A 95 15.02 -2.27 -7.09
CA GLY A 95 15.82 -2.91 -8.11
C GLY A 95 16.39 -4.19 -7.55
N ALA A 96 17.18 -4.89 -8.34
CA ALA A 96 17.74 -6.17 -7.92
C ALA A 96 18.54 -6.03 -6.63
N GLU A 97 19.41 -5.03 -6.58
CA GLU A 97 20.29 -4.85 -5.42
C GLU A 97 19.50 -4.60 -4.13
N ALA A 98 18.41 -3.86 -4.25
CA ALA A 98 17.60 -3.53 -3.08
C ALA A 98 16.94 -4.80 -2.53
N ILE A 99 16.54 -5.69 -3.42
CA ILE A 99 15.92 -6.94 -3.00
C ILE A 99 16.95 -7.85 -2.36
N VAL A 100 18.16 -7.87 -2.92
CA VAL A 100 19.25 -8.63 -2.34
C VAL A 100 19.54 -8.11 -0.93
N ALA A 101 19.54 -6.79 -0.80
CA ALA A 101 19.81 -6.14 0.49
C ALA A 101 18.77 -6.50 1.54
N ILE A 102 17.50 -6.46 1.15
CA ILE A 102 16.42 -6.88 2.06
C ILE A 102 16.64 -8.31 2.57
N LEU A 103 16.88 -9.25 1.67
CA LEU A 103 17.10 -10.64 2.07
C LEU A 103 18.31 -10.78 2.99
N ALA A 104 19.37 -10.02 2.70
CA ALA A 104 20.58 -10.05 3.51
C ALA A 104 20.31 -9.56 4.93
N ILE A 105 19.63 -8.43 5.05
CA ILE A 105 19.25 -7.90 6.34
C ILE A 105 18.41 -8.92 7.12
N LEU A 106 17.39 -9.48 6.47
CA LEU A 106 16.55 -10.46 7.13
C LEU A 106 17.34 -11.69 7.56
N LYS A 107 18.28 -12.12 6.72
CA LYS A 107 19.11 -13.28 7.01
C LYS A 107 20.01 -13.09 8.23
N CYS A 108 20.39 -11.83 8.50
CA CYS A 108 21.17 -11.49 9.69
C CYS A 108 20.30 -11.44 10.94
N GLY A 109 19.00 -11.69 10.78
CA GLY A 109 18.07 -11.66 11.89
C GLY A 109 17.66 -10.23 12.23
N ALA A 110 17.90 -9.33 11.29
CA ALA A 110 17.64 -7.90 11.49
C ALA A 110 16.39 -7.48 10.73
N ALA A 111 15.94 -6.25 10.98
CA ALA A 111 14.77 -5.70 10.29
C ALA A 111 15.21 -4.56 9.38
N TYR A 112 14.57 -4.41 8.23
CA TYR A 112 14.96 -3.28 7.37
C TYR A 112 14.07 -2.04 7.57
N VAL A 113 14.68 -0.87 7.48
CA VAL A 113 13.96 0.39 7.64
C VAL A 113 14.13 1.20 6.36
N PRO A 114 13.17 1.07 5.44
CA PRO A 114 13.30 1.73 4.14
C PRO A 114 13.18 3.24 4.24
N VAL A 115 14.10 3.94 3.59
CA VAL A 115 14.11 5.38 3.56
C VAL A 115 13.70 5.85 2.16
N ASP A 116 12.47 6.34 2.06
CA ASP A 116 11.94 6.80 0.79
C ASP A 116 12.92 7.77 0.15
N LEU A 117 13.33 7.49 -1.08
CA LEU A 117 14.30 8.34 -1.76
C LEU A 117 13.83 9.80 -1.83
N ARG A 118 12.52 10.00 -1.81
CA ARG A 118 11.98 11.34 -1.97
C ARG A 118 11.55 11.96 -0.65
N ASN A 119 12.04 11.41 0.45
CA ASN A 119 11.85 12.01 1.77
C ASN A 119 12.51 13.37 1.83
N PRO A 120 11.84 14.35 2.46
CA PRO A 120 12.60 15.54 2.85
C PRO A 120 13.72 15.11 3.78
N VAL A 121 14.84 15.84 3.76
CA VAL A 121 15.99 15.46 4.57
C VAL A 121 15.66 15.34 6.07
N SER A 122 14.70 16.13 6.53
CA SER A 122 14.34 16.13 7.95
C SER A 122 13.62 14.84 8.33
N ARG A 123 12.76 14.35 7.44
CA ARG A 123 12.01 13.14 7.67
C ARG A 123 12.93 11.92 7.73
N SER A 124 13.90 11.88 6.83
CA SER A 124 14.88 10.80 6.82
C SER A 124 15.70 10.82 8.11
N ASP A 125 16.13 12.01 8.51
CA ASP A 125 16.89 12.18 9.74
C ASP A 125 16.14 11.63 10.95
N PHE A 126 14.84 11.91 11.00
CA PHE A 126 14.02 11.46 12.12
C PHE A 126 13.86 9.95 12.10
N ILE A 127 13.54 9.40 10.94
CA ILE A 127 13.35 7.96 10.80
C ILE A 127 14.58 7.19 11.26
N LEU A 128 15.76 7.65 10.84
CA LEU A 128 17.00 7.00 11.25
C LEU A 128 17.21 7.11 12.77
N ALA A 129 16.98 8.30 13.32
CA ALA A 129 17.09 8.52 14.76
C ALA A 129 16.08 7.68 15.52
N ASP A 130 14.81 7.82 15.14
CA ASP A 130 13.71 7.15 15.83
C ASP A 130 13.87 5.63 15.85
N SER A 131 14.33 5.07 14.73
CA SER A 131 14.44 3.62 14.60
C SER A 131 15.72 3.08 15.21
N GLY A 132 16.64 3.97 15.55
CA GLY A 132 17.92 3.55 16.09
C GLY A 132 18.72 2.73 15.09
N ALA A 133 18.50 2.99 13.80
CA ALA A 133 19.23 2.31 12.75
C ALA A 133 20.73 2.29 13.06
N SER A 134 21.34 1.12 12.99
CA SER A 134 22.75 0.98 13.35
C SER A 134 23.66 0.80 12.12
N ALA A 135 23.05 0.80 10.94
CA ALA A 135 23.78 0.70 9.69
C ALA A 135 22.83 1.04 8.55
N LEU A 136 23.39 1.38 7.39
CA LEU A 136 22.57 1.68 6.22
C LEU A 136 23.14 0.95 5.02
N ILE A 137 22.26 0.41 4.18
CA ILE A 137 22.69 -0.21 2.94
C ILE A 137 22.09 0.58 1.78
N GLY A 138 22.92 0.88 0.80
CA GLY A 138 22.52 1.75 -0.30
C GLY A 138 23.26 3.08 -0.26
N GLU A 139 22.55 4.14 -0.61
CA GLU A 139 23.16 5.47 -0.70
C GLU A 139 22.57 6.43 0.34
N PRO A 140 23.43 6.95 1.24
CA PRO A 140 23.03 7.87 2.31
C PRO A 140 22.51 9.22 1.79
N HIS A 141 21.37 9.67 2.31
CA HIS A 141 20.86 10.99 1.94
C HIS A 141 21.83 12.04 2.47
N GLU A 142 21.95 13.16 1.77
CA GLU A 142 22.93 14.17 2.14
C GLU A 142 22.71 14.69 3.57
N GLY A 143 23.73 14.52 4.40
CA GLY A 143 23.64 14.91 5.80
C GLY A 143 23.21 13.76 6.68
N CYS A 144 23.21 12.55 6.12
CA CYS A 144 22.80 11.35 6.86
C CYS A 144 23.72 11.10 8.06
N ALA A 145 23.11 10.83 9.21
CA ALA A 145 23.85 10.65 10.46
C ALA A 145 24.48 9.26 10.60
N VAL A 146 23.89 8.27 9.93
CA VAL A 146 24.42 6.92 9.97
C VAL A 146 25.64 6.80 9.08
N THR A 147 26.77 6.43 9.67
CA THR A 147 28.04 6.43 8.96
C THR A 147 28.50 5.03 8.57
N ARG A 148 27.90 4.02 9.20
CA ARG A 148 28.22 2.62 8.89
C ARG A 148 27.43 2.20 7.65
N VAL A 149 28.06 2.31 6.48
CA VAL A 149 27.35 2.18 5.21
C VAL A 149 27.87 1.03 4.35
N VAL A 150 26.94 0.24 3.82
CA VAL A 150 27.24 -0.71 2.74
C VAL A 150 26.66 -0.16 1.45
N ARG A 151 27.54 0.35 0.59
CA ARG A 151 27.11 1.00 -0.64
C ARG A 151 26.48 0.01 -1.61
N THR A 152 25.63 0.51 -2.49
CA THR A 152 25.02 -0.31 -3.52
C THR A 152 26.09 -1.06 -4.32
N ALA A 153 27.22 -0.40 -4.55
CA ALA A 153 28.32 -1.00 -5.31
C ALA A 153 28.85 -2.26 -4.62
N ALA A 154 28.92 -2.23 -3.29
CA ALA A 154 29.37 -3.38 -2.54
C ALA A 154 28.36 -4.52 -2.65
N VAL A 155 27.07 -4.17 -2.75
CA VAL A 155 26.05 -5.18 -2.96
C VAL A 155 26.26 -5.85 -4.32
N ALA A 156 26.47 -5.04 -5.36
CA ALA A 156 26.70 -5.57 -6.70
C ALA A 156 27.97 -6.44 -6.78
N GLU A 157 29.02 -6.03 -6.08
CA GLU A 157 30.27 -6.80 -6.04
C GLU A 157 30.05 -8.26 -5.64
N CYS A 158 29.10 -8.50 -4.74
CA CYS A 158 28.85 -9.83 -4.20
C CYS A 158 28.10 -10.76 -5.16
N LYS A 159 27.65 -10.22 -6.29
CA LYS A 159 26.65 -10.90 -7.11
C LYS A 159 26.91 -12.36 -7.45
N ASP A 160 28.09 -12.68 -7.95
CA ASP A 160 28.32 -14.05 -8.35
C ASP A 160 29.41 -14.73 -7.53
N ALA A 161 29.18 -14.77 -6.23
CA ALA A 161 30.04 -15.50 -5.30
C ALA A 161 29.36 -16.79 -4.83
N GLU A 162 30.10 -17.59 -4.08
CA GLU A 162 29.74 -18.97 -3.74
C GLU A 162 28.64 -19.20 -2.69
N PRO A 163 28.50 -18.28 -1.71
CA PRO A 163 27.53 -18.46 -0.62
C PRO A 163 26.26 -19.23 -1.00
N ALA A 169 24.86 -18.78 13.27
CA ALA A 169 23.67 -17.97 13.10
C ALA A 169 22.42 -18.84 12.93
N PRO A 170 21.35 -18.52 13.67
CA PRO A 170 20.11 -19.30 13.64
C PRO A 170 19.10 -18.76 12.63
N GLY A 171 19.31 -17.53 12.16
CA GLY A 171 18.32 -16.87 11.33
C GLY A 171 17.17 -16.38 12.19
N PRO A 172 16.30 -15.54 11.62
CA PRO A 172 15.22 -14.96 12.43
C PRO A 172 14.16 -15.98 12.84
N GLY A 173 13.44 -15.69 13.92
CA GLY A 173 12.30 -16.49 14.32
C GLY A 173 11.01 -15.75 14.02
N ALA A 174 9.89 -16.45 14.19
CA ALA A 174 8.57 -15.90 13.89
C ALA A 174 8.33 -14.54 14.54
N GLU A 175 8.75 -14.38 15.78
CA GLU A 175 8.42 -13.16 16.52
C GLU A 175 9.45 -12.04 16.37
N ASP A 176 10.47 -12.25 15.54
CA ASP A 176 11.44 -11.21 15.22
C ASP A 176 10.88 -10.21 14.20
N MET A 177 11.31 -8.96 14.29
CA MET A 177 10.91 -7.92 13.34
C MET A 177 11.49 -8.19 11.95
N ALA A 178 10.69 -7.95 10.92
CA ALA A 178 11.17 -8.05 9.54
C ALA A 178 11.41 -6.67 8.96
N TYR A 179 10.48 -5.74 9.23
CA TYR A 179 10.70 -4.36 8.81
C TYR A 179 10.03 -3.35 9.73
N VAL A 180 10.46 -2.10 9.60
CA VAL A 180 9.78 -0.97 10.26
C VAL A 180 9.45 0.06 9.19
N ILE A 181 8.16 0.21 8.91
CA ILE A 181 7.72 1.21 7.96
C ILE A 181 7.01 2.33 8.72
N TYR A 182 7.32 3.56 8.33
CA TYR A 182 6.80 4.74 9.03
C TYR A 182 5.59 5.31 8.30
N THR A 183 4.54 5.58 9.06
CA THR A 183 3.32 6.17 8.51
C THR A 183 3.06 7.54 9.11
N SER A 184 2.89 8.54 8.26
CA SER A 184 2.52 9.87 8.71
C SER A 184 1.03 9.90 9.03
N GLY A 185 0.70 10.16 10.29
CA GLY A 185 -0.68 10.18 10.73
C GLY A 185 -1.41 8.87 10.51
N THR A 187 -1.11 14.26 10.97
CA THR A 187 0.12 15.02 11.17
C THR A 187 0.68 14.83 12.59
N GLY A 188 1.99 15.07 12.72
CA GLY A 188 2.72 14.86 13.95
C GLY A 188 4.06 14.26 13.57
N ASN A 189 4.72 13.59 14.51
CA ASN A 189 5.90 12.81 14.16
C ASN A 189 5.48 11.55 13.42
N PRO A 190 6.27 11.14 12.41
CA PRO A 190 6.00 9.87 11.72
C PRO A 190 6.01 8.74 12.74
N LYS A 191 5.08 7.79 12.62
CA LYS A 191 5.02 6.66 13.55
C LYS A 191 5.68 5.43 12.94
N GLY A 192 6.66 4.86 13.65
CA GLY A 192 7.33 3.66 13.19
C GLY A 192 6.52 2.42 13.49
N VAL A 193 6.24 1.63 12.47
CA VAL A 193 5.46 0.41 12.62
C VAL A 193 6.33 -0.83 12.40
N PRO A 194 6.69 -1.52 13.50
CA PRO A 194 7.47 -2.75 13.41
C PRO A 194 6.58 -3.94 13.08
N VAL A 195 6.91 -4.62 11.98
CA VAL A 195 6.12 -5.76 11.53
C VAL A 195 7.00 -6.99 11.62
N ARG A 196 6.45 -8.05 12.22
CA ARG A 196 7.21 -9.27 12.49
C ARG A 196 7.12 -10.27 11.33
N HIS A 197 8.05 -11.22 11.32
CA HIS A 197 7.99 -12.32 10.37
C HIS A 197 6.63 -13.01 10.41
N ALA A 198 6.14 -13.29 11.63
CA ALA A 198 4.86 -13.96 11.79
C ALA A 198 3.70 -13.15 11.19
N ASN A 199 3.77 -11.82 11.30
CA ASN A 199 2.76 -10.96 10.69
C ASN A 199 2.69 -11.18 9.18
N VAL A 200 3.85 -11.16 8.53
CA VAL A 200 3.90 -11.27 7.08
C VAL A 200 3.47 -12.66 6.62
N LEU A 201 3.90 -13.68 7.36
CA LEU A 201 3.49 -15.03 7.03
C LEU A 201 1.98 -15.22 7.16
N ALA A 202 1.37 -14.52 8.10
CA ALA A 202 -0.08 -14.58 8.25
C ALA A 202 -0.76 -14.00 7.00
N LEU A 203 -0.24 -12.90 6.50
CA LEU A 203 -0.76 -12.30 5.28
C LEU A 203 -0.59 -13.26 4.09
N LEU A 204 0.61 -13.80 3.94
CA LEU A 204 0.90 -14.72 2.82
C LEU A 204 0.03 -15.98 2.87
N ALA A 205 -0.27 -16.46 4.07
CA ALA A 205 -1.15 -17.62 4.24
C ALA A 205 -2.61 -17.27 3.96
N GLY A 206 -2.97 -16.01 4.16
CA GLY A 206 -4.33 -15.57 3.88
C GLY A 206 -4.60 -15.30 2.41
N ALA A 207 -3.58 -14.90 1.68
CA ALA A 207 -3.72 -14.52 0.27
C ALA A 207 -4.45 -15.56 -0.59
N PRO A 208 -4.12 -16.85 -0.42
CA PRO A 208 -4.77 -17.83 -1.29
C PRO A 208 -6.26 -18.07 -1.01
N SER A 209 -6.83 -17.41 -0.01
CA SER A 209 -8.29 -17.45 0.17
C SER A 209 -8.97 -16.56 -0.87
N VAL A 210 -8.19 -15.73 -1.54
CA VAL A 210 -8.71 -14.76 -2.51
C VAL A 210 -8.08 -14.94 -3.89
N PHE A 211 -6.77 -15.18 -3.91
CA PHE A 211 -6.02 -15.22 -5.15
C PHE A 211 -5.55 -16.61 -5.53
N ASP A 212 -5.52 -16.86 -6.83
CA ASP A 212 -4.95 -18.07 -7.40
C ASP A 212 -3.56 -17.70 -7.94
N PHE A 213 -2.55 -17.82 -7.09
CA PHE A 213 -1.17 -17.50 -7.45
C PHE A 213 -0.38 -18.81 -7.61
N SER A 214 0.61 -18.80 -8.51
CA SER A 214 1.52 -19.94 -8.65
C SER A 214 2.91 -19.48 -9.05
N GLY A 215 3.84 -20.43 -9.10
CA GLY A 215 5.22 -20.12 -9.45
C GLY A 215 5.43 -19.69 -10.89
N ASP A 216 4.38 -19.79 -11.70
CA ASP A 216 4.44 -19.32 -13.09
C ASP A 216 4.05 -17.85 -13.26
N ASP A 217 3.59 -17.21 -12.19
CA ASP A 217 3.26 -15.80 -12.27
C ASP A 217 4.51 -14.95 -12.36
N ARG A 218 4.35 -13.74 -12.89
CA ARG A 218 5.39 -12.75 -12.89
C ARG A 218 4.80 -11.48 -12.30
N TRP A 219 5.40 -11.02 -11.20
CA TRP A 219 4.93 -9.87 -10.47
C TRP A 219 5.80 -8.67 -10.80
N LEU A 220 5.17 -7.53 -11.12
CA LEU A 220 5.95 -6.31 -11.30
C LEU A 220 6.35 -5.73 -9.94
N LEU A 221 7.66 -5.50 -9.77
CA LEU A 221 8.12 -4.73 -8.62
C LEU A 221 8.06 -3.26 -8.99
N PHE A 222 7.20 -2.50 -8.35
CA PHE A 222 6.98 -1.12 -8.74
C PHE A 222 7.11 -0.14 -7.58
N HIS A 223 6.36 -0.40 -6.51
CA HIS A 223 6.26 0.57 -5.43
C HIS A 223 7.55 0.79 -4.64
N SER A 224 7.70 2.01 -4.14
CA SER A 224 8.81 2.37 -3.26
C SER A 224 8.91 1.34 -2.15
N LEU A 225 10.13 1.04 -1.75
CA LEU A 225 10.37 0.08 -0.67
C LEU A 225 9.86 0.63 0.66
N SER A 226 9.59 1.91 0.71
CA SER A 226 9.13 2.56 1.93
C SER A 226 7.61 2.51 2.05
N PHE A 227 6.97 1.91 1.05
CA PHE A 227 5.52 1.76 1.01
C PHE A 227 5.24 0.27 1.20
N ASP A 228 4.33 -0.11 2.09
CA ASP A 228 4.19 -1.55 2.34
C ASP A 228 3.56 -2.34 1.19
N PHE A 229 3.08 -1.64 0.17
CA PHE A 229 2.64 -2.30 -1.06
C PHE A 229 3.79 -3.14 -1.61
N SER A 230 5.03 -2.65 -1.43
CA SER A 230 6.20 -3.34 -1.97
C SER A 230 6.50 -4.65 -1.23
N VAL A 231 6.12 -4.71 0.04
CA VAL A 231 6.25 -5.96 0.82
C VAL A 231 5.38 -7.04 0.19
N TRP A 232 4.17 -6.67 -0.21
CA TRP A 232 3.25 -7.58 -0.88
C TRP A 232 3.78 -8.00 -2.26
N GLU A 233 4.31 -7.03 -3.01
CA GLU A 233 4.90 -7.34 -4.30
C GLU A 233 6.02 -8.36 -4.16
N ILE A 234 6.94 -8.10 -3.24
CA ILE A 234 8.12 -8.95 -3.04
C ILE A 234 7.76 -10.36 -2.55
N TRP A 235 6.97 -10.44 -1.49
CA TRP A 235 6.69 -11.74 -0.88
C TRP A 235 5.54 -12.49 -1.54
N GLY A 236 4.66 -11.76 -2.24
CA GLY A 236 3.66 -12.40 -3.07
C GLY A 236 4.37 -13.28 -4.08
N ALA A 237 5.41 -12.73 -4.70
CA ALA A 237 6.23 -13.46 -5.67
C ALA A 237 7.06 -14.55 -4.98
N PHE A 238 7.90 -14.15 -4.02
CA PHE A 238 8.83 -15.11 -3.41
C PHE A 238 8.10 -16.24 -2.68
N SER A 239 6.97 -15.95 -2.04
CA SER A 239 6.28 -16.97 -1.26
C SER A 239 5.74 -18.08 -2.15
N THR A 240 5.54 -17.77 -3.42
CA THR A 240 4.96 -18.71 -4.37
C THR A 240 5.99 -19.23 -5.38
N GLY A 241 7.24 -18.80 -5.25
CA GLY A 241 8.28 -19.20 -6.18
C GLY A 241 8.16 -18.54 -7.55
N ALA A 242 7.46 -17.41 -7.60
CA ALA A 242 7.24 -16.71 -8.85
C ALA A 242 8.40 -15.77 -9.17
N GLU A 243 8.33 -15.12 -10.33
CA GLU A 243 9.36 -14.18 -10.74
C GLU A 243 8.95 -12.74 -10.43
N LEU A 244 9.88 -12.00 -9.83
CA LEU A 244 9.68 -10.59 -9.57
C LEU A 244 10.36 -9.80 -10.69
N VAL A 245 9.56 -9.07 -11.47
CA VAL A 245 10.07 -8.29 -12.59
C VAL A 245 10.31 -6.84 -12.17
N VAL A 246 11.55 -6.39 -12.29
CA VAL A 246 11.87 -5.03 -11.91
C VAL A 246 11.49 -4.04 -13.02
N LEU A 247 10.76 -2.99 -12.69
CA LEU A 247 10.49 -1.93 -13.65
C LEU A 247 11.77 -1.14 -13.87
N PRO A 248 12.29 -1.12 -15.10
CA PRO A 248 13.53 -0.37 -15.35
C PRO A 248 13.36 1.12 -15.16
N HIS A 249 14.45 1.81 -14.85
CA HIS A 249 14.42 3.26 -14.62
C HIS A 249 13.86 4.03 -15.81
N TRP A 250 14.18 3.59 -17.03
CA TRP A 250 13.68 4.27 -18.22
C TRP A 250 12.17 4.23 -18.33
N ALA A 251 11.55 3.22 -17.74
CA ALA A 251 10.11 3.03 -17.85
C ALA A 251 9.34 3.60 -16.66
N ALA A 252 10.00 4.41 -15.85
CA ALA A 252 9.41 4.86 -14.58
C ALA A 252 8.55 6.12 -14.68
N ARG A 253 8.51 6.73 -15.86
CA ARG A 253 7.84 8.04 -15.99
C ARG A 253 6.39 7.99 -16.48
N THR A 254 6.11 7.15 -17.47
CA THR A 254 4.80 7.19 -18.09
C THR A 254 4.08 5.85 -18.08
N PRO A 255 2.75 5.88 -18.09
CA PRO A 255 1.94 4.67 -18.21
C PRO A 255 2.20 3.94 -19.53
N GLU A 256 2.56 4.67 -20.59
CA GLU A 256 2.94 4.02 -21.84
C GLU A 256 4.20 3.15 -21.68
N GLN A 257 5.20 3.67 -20.97
CA GLN A 257 6.41 2.90 -20.69
C GLN A 257 6.09 1.72 -19.79
N TYR A 258 5.25 1.96 -18.78
CA TYR A 258 4.81 0.92 -17.84
C TYR A 258 4.19 -0.26 -18.60
N LEU A 259 3.23 0.05 -19.46
CA LEU A 259 2.54 -0.95 -20.26
C LEU A 259 3.49 -1.74 -21.14
N ALA A 260 4.40 -1.03 -21.77
CA ALA A 260 5.38 -1.66 -22.66
C ALA A 260 6.14 -2.76 -21.92
N VAL A 261 6.57 -2.45 -20.70
CA VAL A 261 7.35 -3.40 -19.91
C VAL A 261 6.51 -4.59 -19.41
N ILE A 262 5.33 -4.32 -18.86
CA ILE A 262 4.53 -5.43 -18.34
C ILE A 262 4.14 -6.38 -19.46
N ILE A 263 3.88 -5.82 -20.64
CA ILE A 263 3.57 -6.66 -21.79
C ILE A 263 4.81 -7.37 -22.32
N ASP A 264 5.88 -6.63 -22.56
CA ASP A 264 7.13 -7.22 -23.02
C ASP A 264 7.61 -8.36 -22.12
N ARG A 265 7.55 -8.15 -20.80
CA ARG A 265 8.13 -9.12 -19.86
C ARG A 265 7.16 -10.19 -19.35
N GLY A 266 5.96 -10.22 -19.91
CA GLY A 266 4.98 -11.25 -19.55
C GLY A 266 4.50 -11.17 -18.12
N VAL A 267 4.39 -9.95 -17.60
CA VAL A 267 3.88 -9.76 -16.23
C VAL A 267 2.44 -10.25 -16.11
N THR A 268 2.13 -10.96 -15.03
CA THR A 268 0.78 -11.46 -14.83
C THR A 268 0.08 -10.83 -13.64
N VAL A 269 0.85 -10.25 -12.72
CA VAL A 269 0.26 -9.61 -11.53
C VAL A 269 0.80 -8.20 -11.35
N ILE A 270 -0.08 -7.21 -11.38
CA ILE A 270 0.33 -5.87 -11.05
C ILE A 270 -0.48 -5.30 -9.90
N ASN A 271 0.15 -4.39 -9.17
CA ASN A 271 -0.44 -3.77 -8.00
C ASN A 271 -0.45 -2.25 -8.21
N GLN A 272 -1.61 -1.63 -8.07
CA GLN A 272 -1.74 -0.21 -8.37
C GLN A 272 -2.64 0.53 -7.40
N THR A 273 -2.35 1.81 -7.18
CA THR A 273 -3.36 2.67 -6.55
C THR A 273 -4.43 2.91 -7.59
N PRO A 274 -5.67 3.13 -7.14
CA PRO A 274 -6.72 3.48 -8.11
C PRO A 274 -6.29 4.66 -9.00
N THR A 275 -5.55 5.62 -8.44
CA THR A 275 -5.09 6.76 -9.22
C THR A 275 -4.20 6.33 -10.39
N ALA A 276 -3.21 5.50 -10.11
CA ALA A 276 -2.33 4.98 -11.16
C ALA A 276 -3.13 4.24 -12.23
N PHE A 277 -4.17 3.52 -11.80
CA PHE A 277 -4.99 2.72 -12.71
C PHE A 277 -5.70 3.58 -13.76
N LEU A 278 -6.06 4.80 -13.37
CA LEU A 278 -6.69 5.73 -14.31
C LEU A 278 -5.76 6.02 -15.48
N ALA A 279 -4.49 6.28 -15.17
CA ALA A 279 -3.51 6.59 -16.19
C ALA A 279 -3.20 5.36 -17.05
N LEU A 280 -3.15 4.20 -16.40
CA LEU A 280 -2.89 2.95 -17.10
C LEU A 280 -4.00 2.64 -18.10
N THR A 281 -5.25 2.80 -17.66
CA THR A 281 -6.40 2.52 -18.51
C THR A 281 -6.36 3.37 -19.76
N GLU A 282 -6.13 4.66 -19.55
CA GLU A 282 -6.12 5.62 -20.65
C GLU A 282 -5.04 5.28 -21.67
N ALA A 283 -3.87 4.90 -21.19
CA ALA A 283 -2.76 4.57 -22.08
C ALA A 283 -3.01 3.26 -22.82
N ALA A 284 -3.58 2.29 -22.12
CA ALA A 284 -3.88 0.99 -22.74
C ALA A 284 -4.89 1.15 -23.87
N VAL A 285 -5.95 1.91 -23.61
CA VAL A 285 -7.01 2.08 -24.58
C VAL A 285 -6.52 2.89 -25.78
N ARG A 286 -5.94 4.05 -25.52
CA ARG A 286 -5.46 4.92 -26.59
C ARG A 286 -4.32 4.28 -27.38
N GLY A 287 -3.49 3.50 -26.71
CA GLY A 287 -2.34 2.89 -27.37
C GLY A 287 -2.65 1.58 -28.06
N GLY A 288 -3.89 1.10 -27.91
CA GLY A 288 -4.28 -0.18 -28.48
C GLY A 288 -3.49 -1.37 -27.93
N ARG A 289 -3.10 -1.30 -26.66
CA ARG A 289 -2.27 -2.35 -26.05
C ARG A 289 -3.09 -3.59 -25.68
N ASP A 290 -2.43 -4.75 -25.70
CA ASP A 290 -3.03 -6.00 -25.24
C ASP A 290 -2.72 -6.22 -23.77
N VAL A 291 -3.75 -6.08 -22.92
CA VAL A 291 -3.58 -6.23 -21.48
C VAL A 291 -3.96 -7.64 -20.99
N SER A 292 -4.37 -8.51 -21.91
CA SER A 292 -4.99 -9.77 -21.53
C SER A 292 -4.00 -10.83 -21.03
N GLY A 293 -2.71 -10.50 -21.07
CA GLY A 293 -1.70 -11.35 -20.46
C GLY A 293 -1.76 -11.23 -18.95
N LEU A 294 -2.25 -10.11 -18.44
CA LEU A 294 -2.39 -9.93 -17.00
C LEU A 294 -3.43 -10.89 -16.44
N ARG A 295 -3.14 -11.48 -15.28
CA ARG A 295 -4.10 -12.31 -14.57
C ARG A 295 -4.81 -11.51 -13.46
N TYR A 296 -4.07 -10.62 -12.80
CA TYR A 296 -4.64 -9.81 -11.73
C TYR A 296 -4.15 -8.37 -11.78
N VAL A 297 -5.08 -7.45 -11.56
CA VAL A 297 -4.75 -6.08 -11.18
C VAL A 297 -5.27 -5.90 -9.76
N ILE A 298 -4.37 -5.60 -8.84
CA ILE A 298 -4.74 -5.50 -7.44
C ILE A 298 -4.62 -4.05 -6.96
N PHE A 299 -5.73 -3.51 -6.45
CA PHE A 299 -5.75 -2.12 -6.00
C PHE A 299 -5.46 -2.01 -4.51
N GLY A 300 -4.81 -0.93 -4.10
CA GLY A 300 -4.64 -0.63 -2.69
C GLY A 300 -4.38 0.84 -2.45
N GLY A 301 -4.65 1.32 -1.23
CA GLY A 301 -4.21 2.64 -0.84
C GLY A 301 -5.22 3.78 -0.89
N GLU A 302 -6.24 3.64 -1.73
CA GLU A 302 -7.24 4.71 -1.88
C GLU A 302 -8.63 4.16 -2.10
N LYS A 303 -9.62 5.01 -1.89
CA LYS A 303 -10.99 4.64 -2.16
C LYS A 303 -11.16 4.33 -3.65
N LEU A 304 -11.78 3.19 -3.94
CA LEU A 304 -12.02 2.79 -5.33
C LEU A 304 -13.52 2.86 -5.64
N THR A 305 -13.89 3.64 -6.65
CA THR A 305 -15.27 3.76 -7.09
C THR A 305 -15.42 3.36 -8.56
N ALA A 306 -16.66 3.05 -8.95
CA ALA A 306 -16.96 2.54 -10.29
C ALA A 306 -16.50 3.42 -11.45
N PRO A 307 -16.60 4.75 -11.31
CA PRO A 307 -16.15 5.62 -12.41
C PRO A 307 -14.68 5.41 -12.75
N MET A 308 -13.89 4.89 -11.80
CA MET A 308 -12.48 4.60 -12.02
C MET A 308 -12.29 3.28 -12.77
N LEU A 309 -13.35 2.48 -12.83
CA LEU A 309 -13.27 1.10 -13.31
C LEU A 309 -14.00 0.89 -14.62
N ARG A 310 -15.05 1.67 -14.84
CA ARG A 310 -15.92 1.43 -15.99
C ARG A 310 -15.22 1.50 -17.35
N PRO A 311 -14.26 2.43 -17.51
CA PRO A 311 -13.59 2.48 -18.82
C PRO A 311 -12.73 1.24 -19.12
N TRP A 312 -12.02 0.71 -18.12
CA TRP A 312 -11.24 -0.51 -18.32
C TRP A 312 -12.19 -1.67 -18.64
N ALA A 313 -13.25 -1.78 -17.85
CA ALA A 313 -14.22 -2.86 -18.04
C ALA A 313 -14.84 -2.82 -19.42
N LYS A 314 -15.17 -1.61 -19.88
CA LYS A 314 -15.70 -1.41 -21.22
C LYS A 314 -14.78 -1.99 -22.29
N ALA A 315 -13.49 -1.70 -22.18
CA ALA A 315 -12.54 -2.13 -23.22
C ALA A 315 -12.11 -3.58 -23.05
N PHE A 316 -11.96 -4.02 -21.80
CA PHE A 316 -11.24 -5.26 -21.52
C PHE A 316 -12.02 -6.32 -20.75
N GLY A 317 -13.21 -5.95 -20.26
CA GLY A 317 -13.98 -6.87 -19.44
C GLY A 317 -13.40 -7.01 -18.04
N LEU A 318 -13.84 -8.03 -17.31
CA LEU A 318 -13.46 -8.20 -15.91
C LEU A 318 -12.85 -9.58 -15.63
N ASP A 319 -12.49 -10.32 -16.68
CA ASP A 319 -11.99 -11.67 -16.49
C ASP A 319 -10.48 -11.80 -16.68
N ARG A 320 -9.94 -11.09 -17.66
CA ARG A 320 -8.53 -11.22 -18.00
C ARG A 320 -7.90 -9.88 -18.30
N PRO A 321 -7.37 -9.21 -17.26
CA PRO A 321 -7.22 -9.72 -15.90
C PRO A 321 -8.45 -9.58 -15.02
N ARG A 322 -8.43 -10.29 -13.90
CA ARG A 322 -9.36 -10.02 -12.82
C ARG A 322 -8.91 -8.80 -12.04
N LEU A 323 -9.86 -7.99 -11.59
CA LEU A 323 -9.57 -6.78 -10.85
C LEU A 323 -10.00 -7.00 -9.40
N VAL A 324 -9.14 -6.65 -8.45
CA VAL A 324 -9.43 -6.89 -7.05
C VAL A 324 -9.08 -5.68 -6.19
N ASN A 325 -10.09 -5.13 -5.52
CA ASN A 325 -9.89 -4.02 -4.61
C ASN A 325 -9.34 -4.55 -3.30
N GLY A 326 -8.24 -3.98 -2.84
CA GLY A 326 -7.67 -4.37 -1.56
C GLY A 326 -7.66 -3.20 -0.61
N TYR A 327 -8.10 -3.43 0.63
CA TYR A 327 -8.00 -2.44 1.68
C TYR A 327 -7.04 -2.95 2.75
N GLY A 328 -6.13 -2.08 3.20
CA GLY A 328 -5.22 -2.45 4.27
C GLY A 328 -4.48 -1.28 4.88
N ILE A 329 -3.65 -1.57 5.88
CA ILE A 329 -2.98 -0.56 6.68
C ILE A 329 -1.61 -1.08 7.10
N THR A 330 -0.64 -0.19 7.22
CA THR A 330 0.68 -0.60 7.64
C THR A 330 0.60 -1.42 8.94
N GLU A 331 -0.24 -0.95 9.86
CA GLU A 331 -0.39 -1.56 11.18
C GLU A 331 -0.99 -2.97 11.19
N THR A 332 -1.66 -3.37 10.12
CA THR A 332 -2.19 -4.73 10.05
C THR A 332 -1.61 -5.52 8.87
N THR A 333 -0.35 -5.24 8.56
CA THR A 333 0.43 -5.97 7.57
C THR A 333 -0.19 -5.95 6.18
N VAL A 334 -0.24 -4.76 5.60
CA VAL A 334 -0.49 -4.53 4.18
C VAL A 334 -1.95 -4.61 3.73
N PHE A 335 -2.54 -5.80 3.77
CA PHE A 335 -3.94 -5.97 3.34
C PHE A 335 -4.81 -6.60 4.43
N THR A 336 -6.07 -6.19 4.49
CA THR A 336 -7.03 -6.69 5.47
C THR A 336 -8.25 -7.29 4.79
N THR A 337 -8.80 -6.58 3.80
CA THR A 337 -9.96 -7.07 3.05
C THR A 337 -9.72 -7.00 1.55
N PHE A 338 -10.45 -7.81 0.79
CA PHE A 338 -10.44 -7.75 -0.67
C PHE A 338 -11.86 -7.87 -1.23
N GLU A 339 -12.08 -7.20 -2.36
CA GLU A 339 -13.33 -7.35 -3.10
C GLU A 339 -12.99 -7.50 -4.58
N GLU A 340 -13.25 -8.68 -5.14
CA GLU A 340 -13.03 -8.85 -6.57
C GLU A 340 -14.12 -8.07 -7.32
N ILE A 341 -13.69 -7.25 -8.28
CA ILE A 341 -14.65 -6.41 -9.02
C ILE A 341 -15.57 -7.26 -9.89
N THR A 342 -16.87 -7.00 -9.79
CA THR A 342 -17.88 -7.70 -10.56
C THR A 342 -18.75 -6.70 -11.31
N GLU A 343 -19.63 -7.20 -12.17
CA GLU A 343 -20.59 -6.33 -12.84
C GLU A 343 -21.38 -5.54 -11.80
N ALA A 344 -21.73 -6.21 -10.71
CA ALA A 344 -22.46 -5.58 -9.62
C ALA A 344 -21.73 -4.36 -9.08
N TYR A 345 -20.40 -4.48 -8.94
CA TYR A 345 -19.61 -3.37 -8.43
C TYR A 345 -19.78 -2.17 -9.34
N LEU A 346 -19.71 -2.41 -10.65
CA LEU A 346 -19.81 -1.34 -11.63
C LEU A 346 -21.19 -0.68 -11.61
N ALA A 347 -22.19 -1.40 -11.13
CA ALA A 347 -23.58 -0.91 -11.14
C ALA A 347 -23.97 -0.11 -9.89
N GLN A 348 -23.03 0.06 -8.96
CA GLN A 348 -23.32 0.82 -7.74
C GLN A 348 -22.33 1.97 -7.61
N ASP A 349 -22.68 2.98 -6.81
CA ASP A 349 -21.92 4.23 -6.80
C ASP A 349 -21.10 4.46 -5.53
N ALA A 350 -21.00 3.42 -4.70
CA ALA A 350 -20.22 3.51 -3.48
C ALA A 350 -18.88 2.77 -3.61
N SER A 351 -18.18 2.61 -2.50
CA SER A 351 -16.89 1.92 -2.52
C SER A 351 -16.93 0.69 -1.62
N ILE A 352 -16.69 -0.48 -2.20
CA ILE A 352 -16.79 -1.73 -1.46
C ILE A 352 -15.43 -2.40 -1.32
N ILE A 353 -15.00 -2.61 -0.08
CA ILE A 353 -13.69 -3.20 0.17
C ILE A 353 -13.76 -4.70 0.46
N GLY A 354 -14.97 -5.24 0.58
CA GLY A 354 -15.16 -6.67 0.63
C GLY A 354 -15.00 -7.35 1.98
N ARG A 355 -14.50 -8.58 1.97
CA ARG A 355 -14.41 -9.41 3.16
C ARG A 355 -12.99 -9.49 3.72
N ALA A 356 -12.89 -9.59 5.04
CA ALA A 356 -11.59 -9.65 5.70
C ALA A 356 -10.90 -11.00 5.50
N LEU A 357 -9.58 -10.97 5.38
CA LEU A 357 -8.77 -12.18 5.31
C LEU A 357 -9.01 -13.04 6.55
N PRO A 358 -8.78 -14.36 6.44
CA PRO A 358 -9.11 -15.31 7.50
C PRO A 358 -8.45 -15.05 8.86
N SER A 359 -7.34 -14.33 8.92
CA SER A 359 -6.70 -14.09 10.21
C SER A 359 -7.48 -13.12 11.09
N PHE A 360 -8.34 -12.33 10.48
CA PHE A 360 -8.93 -11.17 11.17
C PHE A 360 -10.21 -11.45 11.95
N GLY A 361 -10.32 -10.78 13.09
CA GLY A 361 -11.61 -10.54 13.72
C GLY A 361 -11.92 -9.09 13.44
N THR A 362 -13.20 -8.70 13.41
CA THR A 362 -13.57 -7.33 13.13
C THR A 362 -14.66 -6.79 14.06
N ARG A 363 -14.64 -5.49 14.28
CA ARG A 363 -15.78 -4.80 14.89
C ARG A 363 -16.03 -3.50 14.14
N VAL A 364 -17.29 -3.11 14.03
CA VAL A 364 -17.64 -1.76 13.57
C VAL A 364 -18.16 -1.01 14.80
N VAL A 365 -17.38 -0.04 15.25
CA VAL A 365 -17.58 0.55 16.57
C VAL A 365 -17.99 2.03 16.53
N GLY A 366 -19.02 2.38 17.28
CA GLY A 366 -19.44 3.78 17.39
C GLY A 366 -18.59 4.49 18.42
N ASP A 367 -18.90 5.76 18.69
CA ASP A 367 -18.29 6.44 19.83
C ASP A 367 -18.67 5.59 21.02
N ASP A 368 -19.58 6.13 21.83
CA ASP A 368 -20.55 5.32 22.54
C ASP A 368 -20.03 4.02 23.18
N GLY A 369 -20.96 3.20 23.67
CA GLY A 369 -20.70 1.85 24.13
C GLY A 369 -20.48 0.92 22.95
N ARG A 370 -19.78 1.42 21.94
CA ARG A 370 -19.19 0.58 20.89
C ARG A 370 -20.09 0.03 19.79
N ASP A 371 -20.12 -1.29 19.65
CA ASP A 371 -20.66 -1.92 18.44
C ASP A 371 -21.89 -1.23 17.85
N VAL A 372 -21.89 -1.07 16.53
CA VAL A 372 -23.01 -0.46 15.84
C VAL A 372 -23.99 -1.53 15.38
N ALA A 373 -25.21 -1.11 15.05
CA ALA A 373 -26.17 -2.03 14.47
C ALA A 373 -25.78 -2.25 13.02
N PRO A 374 -25.85 -3.49 12.56
CA PRO A 374 -25.47 -3.82 11.18
C PRO A 374 -26.00 -2.77 10.21
N GLY A 375 -25.19 -2.41 9.22
CA GLY A 375 -25.58 -1.46 8.21
C GLY A 375 -25.25 -0.03 8.59
N GLU A 376 -24.98 0.19 9.88
CA GLU A 376 -24.63 1.52 10.36
C GLU A 376 -23.12 1.75 10.26
N THR A 377 -22.75 3.02 10.10
CA THR A 377 -21.36 3.41 9.96
C THR A 377 -20.68 3.55 11.31
N GLY A 378 -19.48 3.01 11.41
CA GLY A 378 -18.69 3.10 12.63
C GLY A 378 -17.23 2.89 12.31
N GLU A 379 -16.37 2.94 13.33
CA GLU A 379 -14.94 2.76 13.10
C GLU A 379 -14.60 1.28 13.04
N LEU A 380 -13.84 0.90 12.02
CA LEU A 380 -13.38 -0.47 11.90
C LEU A 380 -12.30 -0.76 12.94
N TRP A 381 -12.52 -1.81 13.71
CA TRP A 381 -11.52 -2.34 14.63
C TRP A 381 -11.11 -3.71 14.11
N LEU A 382 -9.83 -4.03 14.21
CA LEU A 382 -9.31 -5.29 13.69
C LEU A 382 -8.50 -6.08 14.73
N SER A 383 -8.62 -7.41 14.69
CA SER A 383 -7.84 -8.28 15.57
C SER A 383 -7.20 -9.41 14.77
N GLY A 384 -6.16 -10.04 15.33
CA GLY A 384 -5.60 -11.23 14.73
C GLY A 384 -4.10 -11.21 14.49
N ALA A 385 -3.61 -12.29 13.87
CA ALA A 385 -2.17 -12.50 13.67
C ALA A 385 -1.48 -11.47 12.78
N GLN A 386 -2.24 -10.67 12.02
CA GLN A 386 -1.62 -9.66 11.17
C GLN A 386 -1.40 -8.32 11.86
N LEU A 387 -1.84 -8.21 13.11
CA LEU A 387 -1.65 -6.97 13.85
C LEU A 387 -0.20 -6.80 14.25
N ALA A 388 0.34 -5.60 14.02
CA ALA A 388 1.67 -5.28 14.51
C ALA A 388 1.62 -5.18 16.02
N GLU A 389 2.80 -5.33 16.64
CA GLU A 389 2.95 -5.29 18.09
C GLU A 389 2.50 -3.95 18.66
N GLY A 390 2.60 -2.90 17.85
CA GLY A 390 2.35 -1.55 18.30
C GLY A 390 3.36 -0.65 17.61
N TYR A 391 3.39 0.62 18.00
CA TYR A 391 4.31 1.57 17.38
C TYR A 391 5.68 1.49 18.05
N LEU A 392 6.69 2.05 17.40
CA LEU A 392 8.04 2.03 17.96
C LEU A 392 8.20 3.15 18.98
N ARG A 393 8.42 2.76 20.23
CA ARG A 393 8.61 3.72 21.32
C ARG A 393 7.54 4.81 21.34
N ARG A 394 6.28 4.38 21.34
CA ARG A 394 5.14 5.29 21.48
C ARG A 394 4.11 4.63 22.38
N PRO A 395 4.47 4.46 23.67
CA PRO A 395 3.61 3.77 24.63
C PRO A 395 2.25 4.44 24.71
N GLU A 396 2.26 5.77 24.76
CA GLU A 396 1.02 6.53 24.83
C GLU A 396 0.10 6.17 23.65
N LEU A 397 0.62 6.36 22.45
CA LEU A 397 -0.15 6.13 21.23
C LEU A 397 -0.59 4.67 21.09
N THR A 398 0.35 3.74 21.29
CA THR A 398 0.05 2.32 21.16
C THR A 398 -1.11 1.89 22.05
N ALA A 399 -1.11 2.32 23.30
CA ALA A 399 -2.17 1.98 24.23
C ALA A 399 -3.52 2.41 23.68
N GLU A 400 -3.55 3.60 23.08
CA GLU A 400 -4.80 4.12 22.54
C GLU A 400 -5.24 3.40 21.26
N LYS A 401 -4.30 3.16 20.36
CA LYS A 401 -4.62 2.59 19.05
C LYS A 401 -4.75 1.07 19.08
N PHE A 402 -4.11 0.45 20.07
CA PHE A 402 -4.18 -1.00 20.23
C PHE A 402 -4.83 -1.38 21.57
N PRO A 403 -6.15 -1.14 21.71
CA PRO A 403 -6.84 -1.43 22.97
C PRO A 403 -7.19 -2.91 23.14
N GLU A 404 -7.29 -3.38 24.38
CA GLU A 404 -7.78 -4.71 24.69
C GLU A 404 -9.25 -4.63 25.10
N VAL A 405 -10.01 -5.67 24.79
CA VAL A 405 -11.43 -5.69 25.13
C VAL A 405 -11.84 -7.01 25.78
N VAL A 414 -9.33 -9.93 23.97
CA VAL A 414 -8.95 -9.81 22.56
C VAL A 414 -8.36 -8.43 22.27
N ARG A 415 -7.17 -8.43 21.68
CA ARG A 415 -6.46 -7.20 21.36
C ARG A 415 -6.87 -6.68 19.98
N TYR A 416 -7.16 -5.38 19.90
CA TYR A 416 -7.65 -4.78 18.66
C TYR A 416 -6.76 -3.64 18.19
N TYR A 417 -6.88 -3.31 16.91
CA TYR A 417 -6.31 -2.08 16.37
C TYR A 417 -7.44 -1.21 15.85
N ARG A 418 -7.44 0.06 16.25
CA ARG A 418 -8.45 1.01 15.78
C ARG A 418 -7.95 1.67 14.50
N THR A 419 -8.60 1.36 13.39
CA THR A 419 -8.10 1.77 12.07
C THR A 419 -8.16 3.27 11.82
N GLY A 420 -9.07 3.96 12.49
CA GLY A 420 -9.33 5.34 12.17
C GLY A 420 -10.10 5.46 10.86
N ASP A 421 -10.60 4.33 10.37
CA ASP A 421 -11.41 4.29 9.16
C ASP A 421 -12.87 4.01 9.50
N LEU A 422 -13.77 4.75 8.87
CA LEU A 422 -15.21 4.51 8.98
C LEU A 422 -15.66 3.56 7.88
N VAL A 423 -16.42 2.54 8.27
CA VAL A 423 -16.96 1.57 7.33
C VAL A 423 -18.39 1.22 7.74
N SER A 424 -19.07 0.44 6.90
CA SER A 424 -20.39 -0.08 7.23
C SER A 424 -20.51 -1.49 6.69
N GLU A 425 -21.10 -2.39 7.47
CA GLU A 425 -21.31 -3.76 7.00
C GLU A 425 -22.46 -3.83 6.02
N LEU A 426 -22.24 -4.53 4.92
CA LEU A 426 -23.32 -4.78 3.97
C LEU A 426 -24.11 -6.00 4.44
N PRO A 427 -25.36 -6.11 3.98
CA PRO A 427 -26.23 -7.23 4.37
C PRO A 427 -25.56 -8.60 4.29
N ASP A 428 -24.61 -8.77 3.37
CA ASP A 428 -23.97 -10.08 3.19
C ASP A 428 -22.64 -10.24 3.93
N GLY A 429 -22.18 -9.20 4.60
CA GLY A 429 -20.97 -9.30 5.40
C GLY A 429 -19.76 -8.55 4.84
N ARG A 430 -19.85 -8.12 3.59
CA ARG A 430 -18.79 -7.33 2.97
C ARG A 430 -18.80 -5.93 3.58
N PHE A 431 -17.64 -5.27 3.61
CA PHE A 431 -17.58 -3.90 4.13
C PHE A 431 -17.60 -2.88 3.00
N ALA A 432 -18.33 -1.80 3.21
CA ALA A 432 -18.25 -0.63 2.35
C ALA A 432 -17.33 0.34 3.06
N TYR A 433 -16.45 0.99 2.32
CA TYR A 433 -15.54 1.96 2.91
C TYR A 433 -16.14 3.36 2.83
N GLU A 434 -16.32 4.02 3.97
CA GLU A 434 -16.95 5.33 3.99
C GLU A 434 -15.92 6.47 3.90
N GLY A 435 -15.02 6.55 4.87
CA GLY A 435 -13.98 7.57 4.86
C GLY A 435 -13.16 7.51 6.14
N ARG A 436 -12.27 8.48 6.31
CA ARG A 436 -11.49 8.57 7.55
C ARG A 436 -12.37 9.08 8.67
N ALA A 437 -12.00 8.73 9.91
CA ALA A 437 -12.87 9.00 11.07
C ALA A 437 -12.52 10.31 11.78
N ASP A 438 -11.54 11.05 11.25
CA ASP A 438 -11.12 12.30 11.86
C ASP A 438 -11.49 13.50 11.00
N LEU A 439 -12.53 13.34 10.18
CA LEU A 439 -12.88 14.39 9.23
C LEU A 439 -14.16 15.14 9.60
N GLN A 440 -14.61 14.99 10.84
CA GLN A 440 -15.72 15.81 11.31
C GLN A 440 -15.19 17.18 11.71
N ILE A 441 -15.88 18.23 11.27
CA ILE A 441 -15.52 19.56 11.71
C ILE A 441 -16.72 20.26 12.30
N LYS A 442 -16.48 21.42 12.90
CA LYS A 442 -17.56 22.29 13.36
C LYS A 442 -17.53 23.57 12.55
N LEU A 443 -18.68 23.93 11.99
CA LEU A 443 -18.75 25.08 11.11
C LEU A 443 -20.14 25.70 11.12
N ARG A 444 -20.21 26.99 11.42
CA ARG A 444 -21.46 27.74 11.29
C ARG A 444 -22.63 27.06 11.98
N GLY A 445 -22.39 26.49 13.15
CA GLY A 445 -23.46 25.96 13.98
C GLY A 445 -23.75 24.49 13.77
N TYR A 446 -22.93 23.82 12.95
CA TYR A 446 -23.12 22.39 12.71
C TYR A 446 -21.85 21.59 12.92
N ARG A 447 -22.02 20.34 13.31
CA ARG A 447 -20.95 19.36 13.18
C ARG A 447 -21.13 18.78 11.79
N ILE A 448 -20.06 18.77 11.01
CA ILE A 448 -20.15 18.33 9.63
C ILE A 448 -19.17 17.19 9.33
N GLU A 449 -19.70 16.09 8.80
CA GLU A 449 -18.86 14.95 8.46
C GLU A 449 -18.36 15.15 7.04
N LEU A 450 -17.13 15.64 6.91
CA LEU A 450 -16.57 15.91 5.58
C LEU A 450 -16.52 14.64 4.75
N SER A 451 -16.32 13.50 5.41
CA SER A 451 -16.25 12.23 4.70
C SER A 451 -17.56 11.92 4.00
N ASP A 452 -18.67 12.29 4.62
CA ASP A 452 -19.97 12.07 4.00
C ASP A 452 -20.16 12.95 2.77
N ILE A 453 -19.64 14.17 2.81
CA ILE A 453 -19.74 15.05 1.64
C ILE A 453 -18.89 14.49 0.50
N GLU A 454 -17.68 14.05 0.84
CA GLU A 454 -16.80 13.48 -0.19
C GLU A 454 -17.43 12.25 -0.82
N THR A 455 -18.00 11.37 0.00
CA THR A 455 -18.70 10.19 -0.50
C THR A 455 -19.85 10.55 -1.44
N ALA A 456 -20.65 11.54 -1.06
CA ALA A 456 -21.75 11.99 -1.93
C ALA A 456 -21.22 12.52 -3.27
N VAL A 457 -20.17 13.33 -3.23
CA VAL A 457 -19.57 13.83 -4.47
C VAL A 457 -19.05 12.66 -5.32
N ARG A 458 -18.42 11.68 -4.67
CA ARG A 458 -17.83 10.55 -5.38
C ARG A 458 -18.88 9.66 -6.03
N ARG A 459 -20.15 9.85 -5.67
CA ARG A 459 -21.22 9.07 -6.28
C ARG A 459 -21.49 9.50 -7.72
N HIS A 460 -21.07 10.71 -8.06
CA HIS A 460 -21.29 11.23 -9.40
C HIS A 460 -20.50 10.41 -10.42
N ASP A 461 -21.18 9.98 -11.48
CA ASP A 461 -20.56 9.12 -12.50
C ASP A 461 -19.31 9.72 -13.14
N ASP A 462 -19.21 11.04 -13.17
CA ASP A 462 -18.11 11.70 -13.86
C ASP A 462 -17.03 12.26 -12.94
N VAL A 463 -17.01 11.80 -11.70
CA VAL A 463 -16.00 12.20 -10.74
C VAL A 463 -15.18 11.00 -10.32
N VAL A 464 -13.85 11.16 -10.30
CA VAL A 464 -12.98 10.07 -9.87
C VAL A 464 -12.25 10.36 -8.56
N ASP A 465 -12.25 11.62 -8.14
CA ASP A 465 -11.66 11.97 -6.85
C ASP A 465 -12.23 13.29 -6.37
N ALA A 466 -12.21 13.48 -5.05
CA ALA A 466 -12.78 14.68 -4.46
C ALA A 466 -12.25 14.89 -3.05
N VAL A 467 -12.04 16.15 -2.70
CA VAL A 467 -11.63 16.52 -1.36
C VAL A 467 -12.43 17.74 -0.93
N VAL A 468 -13.03 17.67 0.24
CA VAL A 468 -13.80 18.79 0.78
C VAL A 468 -13.05 19.42 1.94
N THR A 469 -12.84 20.73 1.86
CA THR A 469 -12.18 21.46 2.93
C THR A 469 -12.94 22.74 3.24
N VAL A 470 -12.41 23.52 4.17
CA VAL A 470 -13.01 24.79 4.53
C VAL A 470 -12.04 25.91 4.21
N ARG A 471 -12.53 26.96 3.55
CA ARG A 471 -11.70 28.12 3.26
C ARG A 471 -12.45 29.42 3.52
N GLU A 472 -11.71 30.51 3.68
CA GLU A 472 -12.30 31.81 3.98
C GLU A 472 -12.70 32.58 2.73
N PHE A 473 -13.97 33.00 2.68
CA PHE A 473 -14.47 33.81 1.57
C PHE A 473 -14.30 35.29 1.87
N LYS A 474 -15.29 35.88 2.54
CA LYS A 474 -15.09 37.19 3.17
C LYS A 474 -14.39 36.93 4.49
N PRO A 475 -13.64 37.91 5.00
CA PRO A 475 -13.08 37.75 6.35
C PRO A 475 -14.22 37.46 7.34
N GLY A 476 -14.08 36.39 8.10
CA GLY A 476 -15.11 35.97 9.03
C GLY A 476 -16.20 35.14 8.38
N ASP A 477 -16.01 34.81 7.10
CA ASP A 477 -16.99 34.01 6.35
C ASP A 477 -16.34 32.76 5.77
N LEU A 478 -16.31 31.69 6.56
CA LEU A 478 -15.71 30.42 6.15
C LEU A 478 -16.77 29.47 5.58
N ARG A 479 -16.42 28.76 4.52
CA ARG A 479 -17.39 27.90 3.85
C ARG A 479 -16.74 26.61 3.38
N LEU A 480 -17.57 25.57 3.23
CA LEU A 480 -17.16 24.31 2.64
C LEU A 480 -16.83 24.55 1.17
N VAL A 481 -15.72 23.96 0.69
CA VAL A 481 -15.40 23.99 -0.73
C VAL A 481 -14.91 22.61 -1.15
N CYS A 482 -15.02 22.30 -2.43
CA CYS A 482 -14.66 20.98 -2.91
C CYS A 482 -13.80 21.01 -4.16
N ALA A 483 -12.59 20.45 -4.04
CA ALA A 483 -11.72 20.21 -5.19
C ALA A 483 -11.97 18.79 -5.66
N TYR A 484 -12.09 18.61 -6.96
CA TYR A 484 -12.44 17.30 -7.51
C TYR A 484 -11.74 17.05 -8.84
N VAL A 485 -11.70 15.79 -9.24
CA VAL A 485 -11.10 15.42 -10.50
C VAL A 485 -12.14 14.78 -11.40
N ALA A 486 -12.27 15.30 -12.61
CA ALA A 486 -13.23 14.79 -13.58
C ALA A 486 -12.77 13.46 -14.18
N ARG A 487 -13.73 12.61 -14.50
CA ARG A 487 -13.46 11.39 -15.24
C ARG A 487 -12.84 11.77 -16.59
N GLU A 488 -11.79 11.08 -16.99
CA GLU A 488 -11.13 11.36 -18.26
C GLU A 488 -12.17 11.36 -19.38
N GLY A 489 -12.17 12.42 -20.19
CA GLY A 489 -13.13 12.53 -21.28
C GLY A 489 -14.48 13.09 -20.85
N SER A 490 -14.51 13.76 -19.71
CA SER A 490 -15.74 14.39 -19.24
C SER A 490 -15.45 15.77 -18.69
N ALA A 491 -16.50 16.57 -18.59
CA ALA A 491 -16.40 17.91 -18.03
C ALA A 491 -17.69 18.20 -17.27
N THR A 492 -17.56 18.42 -15.97
CA THR A 492 -18.73 18.66 -15.13
C THR A 492 -18.59 20.02 -14.48
N THR A 493 -19.63 20.83 -14.55
CA THR A 493 -19.57 22.20 -14.03
C THR A 493 -19.89 22.23 -12.55
N ALA A 494 -19.50 23.32 -11.90
CA ALA A 494 -19.85 23.53 -10.49
C ALA A 494 -21.37 23.46 -10.35
N ARG A 495 -22.10 24.07 -11.27
CA ARG A 495 -23.56 24.03 -11.22
C ARG A 495 -24.11 22.59 -11.24
N GLU A 496 -23.56 21.75 -12.11
CA GLU A 496 -24.02 20.37 -12.20
C GLU A 496 -23.72 19.59 -10.93
N LEU A 497 -22.56 19.86 -10.34
CA LEU A 497 -22.19 19.17 -9.10
C LEU A 497 -23.07 19.65 -7.96
N ARG A 498 -23.37 20.94 -7.91
CA ARG A 498 -24.29 21.47 -6.91
C ARG A 498 -25.63 20.75 -7.03
N ASN A 499 -26.11 20.59 -8.27
CA ASN A 499 -27.39 19.94 -8.50
C ASN A 499 -27.38 18.47 -8.08
N HIS A 500 -26.25 17.82 -8.30
CA HIS A 500 -26.07 16.44 -7.87
C HIS A 500 -26.18 16.36 -6.35
N ILE A 501 -25.42 17.20 -5.67
CA ILE A 501 -25.38 17.18 -4.20
C ILE A 501 -26.73 17.55 -3.56
N LYS A 502 -27.47 18.47 -4.19
CA LYS A 502 -28.81 18.87 -3.73
C LYS A 502 -29.73 17.67 -3.49
N THR A 503 -29.56 16.63 -4.29
CA THR A 503 -30.43 15.46 -4.19
C THR A 503 -30.03 14.53 -3.04
N LEU A 504 -28.83 14.70 -2.52
CA LEU A 504 -28.24 13.72 -1.59
C LEU A 504 -28.07 14.21 -0.15
N LEU A 505 -27.90 15.52 0.02
CA LEU A 505 -27.51 16.05 1.33
C LEU A 505 -28.30 17.30 1.72
N PRO A 506 -28.43 17.54 3.02
CA PRO A 506 -29.04 18.78 3.53
C PRO A 506 -28.16 19.96 3.17
N ALA A 507 -28.75 21.15 3.05
CA ALA A 507 -28.03 22.33 2.58
C ALA A 507 -26.79 22.71 3.39
N TYR A 508 -26.79 22.45 4.70
CA TYR A 508 -25.61 22.81 5.50
C TYR A 508 -24.36 21.97 5.15
N MET A 509 -24.54 20.94 4.34
CA MET A 509 -23.42 20.10 3.91
C MET A 509 -23.02 20.34 2.46
N HIS A 510 -23.56 21.39 1.85
CA HIS A 510 -23.29 21.69 0.43
C HIS A 510 -22.01 22.52 0.28
N PRO A 511 -21.03 21.99 -0.47
CA PRO A 511 -19.89 22.83 -0.84
C PRO A 511 -20.35 24.14 -1.48
N ALA A 512 -19.73 25.24 -1.08
CA ALA A 512 -20.09 26.56 -1.61
C ALA A 512 -19.42 26.84 -2.95
N ARG A 513 -18.32 26.14 -3.23
CA ARG A 513 -17.61 26.29 -4.50
C ARG A 513 -16.99 24.97 -4.94
N TYR A 514 -16.81 24.81 -6.24
CA TYR A 514 -16.13 23.64 -6.77
C TYR A 514 -14.91 24.05 -7.58
N LEU A 515 -13.86 23.24 -7.51
CA LEU A 515 -12.62 23.51 -8.23
C LEU A 515 -12.12 22.25 -8.92
N PRO A 516 -12.25 22.20 -10.26
CA PRO A 516 -11.74 21.04 -11.02
C PRO A 516 -10.21 21.07 -11.07
N LEU A 517 -9.57 19.95 -10.78
CA LEU A 517 -8.13 19.85 -10.89
C LEU A 517 -7.74 18.69 -11.81
N PRO A 518 -6.60 18.82 -12.51
CA PRO A 518 -6.13 17.73 -13.39
C PRO A 518 -6.02 16.46 -12.57
N GLY A 519 -5.56 16.63 -11.34
CA GLY A 519 -5.48 15.57 -10.35
C GLY A 519 -5.26 16.25 -9.02
N LEU A 520 -5.51 15.55 -7.92
CA LEU A 520 -5.27 16.14 -6.61
C LEU A 520 -3.78 16.07 -6.30
N PRO A 521 -3.27 17.08 -5.56
CA PRO A 521 -1.87 17.07 -5.16
C PRO A 521 -1.63 15.96 -4.14
N ARG A 522 -0.46 15.35 -4.16
CA ARG A 522 -0.20 14.21 -3.29
C ARG A 522 1.15 14.26 -2.59
N THR A 523 1.18 13.70 -1.39
CA THR A 523 2.43 13.56 -0.65
C THR A 523 3.23 12.42 -1.28
N VAL A 524 4.49 12.27 -0.87
CA VAL A 524 5.25 11.11 -1.27
C VAL A 524 4.66 9.89 -0.54
N ASN A 525 4.28 10.10 0.73
CA ASN A 525 3.47 9.14 1.46
C ASN A 525 2.11 9.07 0.81
N GLY A 526 1.69 10.20 0.24
CA GLY A 526 0.41 10.30 -0.44
C GLY A 526 0.30 9.46 -1.69
N LYS A 527 -0.93 9.14 -2.10
CA LYS A 527 -2.16 9.56 -1.44
C LYS A 527 -2.40 11.06 -1.57
N VAL A 528 -3.68 11.45 -1.65
CA VAL A 528 -4.05 12.86 -1.72
C VAL A 528 -3.42 13.64 -0.57
N ASP A 529 -2.95 14.85 -0.88
CA ASP A 529 -2.37 15.74 0.11
C ASP A 529 -3.43 16.76 0.54
N ARG A 530 -4.17 16.42 1.59
CA ARG A 530 -5.29 17.25 2.02
C ARG A 530 -4.89 18.71 2.31
N ALA A 531 -3.65 18.92 2.70
CA ALA A 531 -3.18 20.26 3.03
C ALA A 531 -2.81 21.07 1.78
N ALA A 532 -2.20 20.40 0.80
CA ALA A 532 -1.83 21.06 -0.46
C ALA A 532 -3.05 21.52 -1.24
N VAL A 533 -4.16 20.80 -1.09
CA VAL A 533 -5.40 21.14 -1.78
C VAL A 533 -5.86 22.53 -1.35
N ALA A 534 -5.90 22.76 -0.05
CA ALA A 534 -6.27 24.06 0.49
C ALA A 534 -5.43 25.16 -0.16
N ARG A 535 -4.16 24.87 -0.42
CA ARG A 535 -3.29 25.84 -1.05
C ARG A 535 -3.66 26.09 -2.52
N SER A 536 -4.14 25.07 -3.21
CA SER A 536 -4.53 25.21 -4.61
C SER A 536 -5.69 26.20 -4.77
N TRP A 537 -6.47 26.36 -3.70
CA TRP A 537 -7.54 27.36 -3.69
C TRP A 537 -6.94 28.75 -3.57
#